data_5HW6
#
_entry.id   5HW6
#
_cell.length_a   99.474
_cell.length_b   42.980
_cell.length_c   70.696
_cell.angle_alpha   90.000
_cell.angle_beta   128.220
_cell.angle_gamma   90.000
#
_symmetry.space_group_name_H-M   'C 1 2 1'
#
loop_
_entity.id
_entity.type
_entity.pdbx_description
1 polymer 'FK506-binding protein 1'
2 non-polymer 'ACETATE ION'
3 water water
#
_entity_poly.entity_id   1
_entity_poly.type   'polypeptide(L)'
_entity_poly.pdbx_seq_one_letter_code
;EELPQIEIVQEGDNTTFAKPGDTVTIHYDGKLTNGKEFDSSRKRGKPFTCTVGVGQVIKGWDISLTNNYGKGGANLPKIS
KGTKAILTIPPNLAYGPRGIPPIIGPNETLVFEVELLGVNGQ
;
_entity_poly.pdbx_strand_id   A,B
#
loop_
_chem_comp.id
_chem_comp.type
_chem_comp.name
_chem_comp.formula
ACT non-polymer 'ACETATE ION' 'C2 H3 O2 -1'
#
# COMPACT_ATOMS: atom_id res chain seq x y z
N GLU A 1 5.01 15.23 -5.53
CA GLU A 1 4.15 14.40 -6.35
C GLU A 1 4.18 12.95 -5.88
N GLU A 2 3.03 12.44 -5.46
CA GLU A 2 2.95 11.05 -5.01
C GLU A 2 3.07 10.11 -6.20
N LEU A 3 3.96 9.14 -6.09
CA LEU A 3 4.19 8.19 -7.17
C LEU A 3 3.80 6.79 -6.74
N PRO A 4 3.31 5.99 -7.71
CA PRO A 4 3.04 4.59 -7.43
C PRO A 4 4.36 3.82 -7.33
N GLN A 5 4.32 2.68 -6.66
CA GLN A 5 5.49 1.83 -6.53
C GLN A 5 5.40 0.74 -7.61
N ILE A 6 6.44 0.65 -8.44
CA ILE A 6 6.43 -0.28 -9.56
C ILE A 6 7.59 -1.27 -9.47
N GLU A 7 7.26 -2.56 -9.45
CA GLU A 7 8.28 -3.60 -9.45
C GLU A 7 8.23 -4.39 -10.75
N ILE A 8 9.31 -4.37 -11.51
CA ILE A 8 9.41 -5.15 -12.73
C ILE A 8 9.68 -6.61 -12.36
N VAL A 9 8.79 -7.51 -12.77
CA VAL A 9 8.94 -8.92 -12.47
C VAL A 9 9.45 -9.67 -13.69
N GLN A 10 8.99 -9.27 -14.88
CA GLN A 10 9.51 -9.82 -16.12
C GLN A 10 9.58 -8.74 -17.19
N GLU A 11 10.79 -8.44 -17.64
CA GLU A 11 10.99 -7.39 -18.64
C GLU A 11 10.29 -7.69 -19.95
N GLY A 12 9.83 -6.63 -20.61
CA GLY A 12 9.20 -6.73 -21.91
C GLY A 12 10.24 -6.42 -22.97
N ASP A 13 9.80 -5.82 -24.09
CA ASP A 13 10.70 -5.58 -25.21
C ASP A 13 11.58 -4.34 -25.04
N ASN A 14 11.27 -3.49 -24.06
CA ASN A 14 12.04 -2.27 -23.80
C ASN A 14 12.04 -1.27 -24.96
N THR A 15 11.10 -1.40 -25.89
CA THR A 15 11.01 -0.48 -27.01
C THR A 15 9.60 0.10 -27.16
N THR A 16 8.59 -0.71 -26.86
CA THR A 16 7.19 -0.31 -26.99
C THR A 16 6.66 0.23 -25.67
N PHE A 17 6.43 1.55 -25.63
CA PHE A 17 5.91 2.20 -24.43
C PHE A 17 4.67 3.03 -24.77
N ALA A 18 3.62 2.89 -23.96
CA ALA A 18 2.42 3.69 -24.15
C ALA A 18 2.66 5.14 -23.79
N LYS A 19 1.99 6.04 -24.51
CA LYS A 19 1.99 7.46 -24.19
C LYS A 19 0.55 7.86 -23.85
N PRO A 20 0.37 9.00 -23.19
CA PRO A 20 -1.00 9.46 -22.94
C PRO A 20 -1.79 9.59 -24.26
N GLY A 21 -2.97 8.97 -24.30
CA GLY A 21 -3.79 8.97 -25.49
C GLY A 21 -3.72 7.64 -26.23
N ASP A 22 -2.74 6.82 -25.87
CA ASP A 22 -2.64 5.49 -26.44
C ASP A 22 -3.63 4.55 -25.79
N THR A 23 -3.95 3.48 -26.50
CA THR A 23 -4.77 2.42 -25.96
C THR A 23 -3.84 1.27 -25.57
N VAL A 24 -4.12 0.62 -24.44
CA VAL A 24 -3.36 -0.54 -24.04
C VAL A 24 -4.28 -1.71 -23.70
N THR A 25 -3.73 -2.92 -23.77
CA THR A 25 -4.43 -4.12 -23.37
C THR A 25 -3.60 -4.81 -22.31
N ILE A 26 -4.21 -5.16 -21.18
CA ILE A 26 -3.47 -5.71 -20.06
C ILE A 26 -4.19 -6.86 -19.36
N HIS A 27 -3.39 -7.76 -18.79
CA HIS A 27 -3.91 -8.71 -17.82
C HIS A 27 -3.60 -8.15 -16.45
N TYR A 28 -4.58 -8.14 -15.55
CA TYR A 28 -4.38 -7.56 -14.24
C TYR A 28 -5.08 -8.36 -13.15
N ASP A 29 -4.49 -8.30 -11.96
CA ASP A 29 -5.05 -8.92 -10.78
C ASP A 29 -4.94 -7.89 -9.67
N GLY A 30 -6.08 -7.51 -9.09
CA GLY A 30 -6.12 -6.48 -8.06
C GLY A 30 -6.42 -7.05 -6.69
N LYS A 31 -5.53 -6.77 -5.73
CA LYS A 31 -5.68 -7.27 -4.37
C LYS A 31 -5.47 -6.17 -3.34
N LEU A 32 -6.02 -6.38 -2.15
CA LEU A 32 -5.76 -5.49 -1.03
C LEU A 32 -4.46 -5.92 -0.36
N THR A 33 -4.00 -5.14 0.60
CA THR A 33 -2.73 -5.43 1.26
C THR A 33 -2.84 -6.65 2.17
N ASN A 34 -4.07 -7.11 2.39
CA ASN A 34 -4.29 -8.33 3.17
C ASN A 34 -4.34 -9.58 2.30
N GLY A 35 -4.24 -9.40 0.99
CA GLY A 35 -4.20 -10.53 0.07
C GLY A 35 -5.54 -10.85 -0.56
N LYS A 36 -6.61 -10.22 -0.06
CA LYS A 36 -7.93 -10.44 -0.62
C LYS A 36 -8.06 -9.79 -2.00
N GLU A 37 -8.53 -10.56 -2.96
CA GLU A 37 -8.69 -10.07 -4.33
C GLU A 37 -10.01 -9.32 -4.47
N PHE A 38 -9.97 -8.16 -5.14
CA PHE A 38 -11.18 -7.37 -5.32
C PHE A 38 -11.57 -7.24 -6.78
N ASP A 39 -10.68 -7.62 -7.69
CA ASP A 39 -10.97 -7.57 -9.12
C ASP A 39 -9.81 -8.17 -9.90
N SER A 40 -10.12 -8.73 -11.07
CA SER A 40 -9.09 -9.27 -11.95
C SER A 40 -9.66 -9.41 -13.36
N SER A 41 -8.76 -9.46 -14.35
CA SER A 41 -9.18 -9.61 -15.73
C SER A 41 -9.68 -11.03 -15.99
N ARG A 42 -9.21 -11.98 -15.19
CA ARG A 42 -9.67 -13.36 -15.28
C ARG A 42 -11.17 -13.42 -14.97
N LYS A 43 -11.60 -12.56 -14.05
CA LYS A 43 -13.01 -12.50 -13.65
C LYS A 43 -13.88 -11.99 -14.79
N ARG A 44 -13.28 -11.21 -15.69
CA ARG A 44 -14.01 -10.68 -16.84
C ARG A 44 -13.96 -11.66 -18.02
N GLY A 45 -12.97 -12.55 -18.01
CA GLY A 45 -12.82 -13.53 -19.07
C GLY A 45 -12.15 -12.97 -20.31
N LYS A 46 -11.65 -11.75 -20.21
CA LYS A 46 -11.06 -11.06 -21.35
C LYS A 46 -10.05 -10.05 -20.82
N PRO A 47 -8.96 -9.81 -21.56
CA PRO A 47 -8.04 -8.77 -21.10
C PRO A 47 -8.67 -7.38 -21.21
N PHE A 48 -8.28 -6.46 -20.35
CA PHE A 48 -8.89 -5.15 -20.28
C PHE A 48 -8.17 -4.16 -21.19
N THR A 49 -8.96 -3.43 -21.98
CA THR A 49 -8.43 -2.43 -22.89
C THR A 49 -8.94 -1.06 -22.48
N CYS A 50 -8.03 -0.10 -22.39
CA CYS A 50 -8.40 1.26 -22.03
C CYS A 50 -7.43 2.25 -22.65
N THR A 51 -7.85 3.51 -22.72
CA THR A 51 -6.95 4.58 -23.09
C THR A 51 -6.26 5.08 -21.83
N VAL A 52 -4.94 5.14 -21.87
CA VAL A 52 -4.19 5.56 -20.69
C VAL A 52 -3.83 7.04 -20.75
N GLY A 53 -3.66 7.65 -19.58
CA GLY A 53 -3.25 9.03 -19.49
C GLY A 53 -4.36 10.07 -19.52
N VAL A 54 -5.62 9.63 -19.48
CA VAL A 54 -6.74 10.57 -19.62
C VAL A 54 -7.77 10.46 -18.49
N GLY A 55 -7.36 9.86 -17.36
CA GLY A 55 -8.25 9.73 -16.22
C GLY A 55 -9.41 8.77 -16.47
N GLN A 56 -9.19 7.82 -17.37
CA GLN A 56 -10.17 6.78 -17.66
C GLN A 56 -10.11 5.68 -16.60
N VAL A 57 -8.96 5.59 -15.94
CA VAL A 57 -8.74 4.63 -14.86
C VAL A 57 -8.07 5.37 -13.70
N ILE A 58 -7.78 4.67 -12.62
CA ILE A 58 -7.18 5.30 -11.45
C ILE A 58 -5.82 5.90 -11.81
N LYS A 59 -5.46 7.00 -11.14
CA LYS A 59 -4.26 7.75 -11.48
C LYS A 59 -3.02 6.88 -11.45
N GLY A 60 -2.95 5.98 -10.47
CA GLY A 60 -1.80 5.10 -10.32
C GLY A 60 -1.54 4.28 -11.57
N TRP A 61 -2.61 3.91 -12.27
CA TRP A 61 -2.50 3.19 -13.54
C TRP A 61 -2.02 4.14 -14.63
N ASP A 62 -2.68 5.28 -14.75
CA ASP A 62 -2.28 6.28 -15.74
C ASP A 62 -0.80 6.59 -15.59
N ILE A 63 -0.39 6.88 -14.36
CA ILE A 63 0.99 7.25 -14.10
C ILE A 63 1.95 6.11 -14.44
N SER A 64 1.60 4.89 -14.03
CA SER A 64 2.48 3.74 -14.25
C SER A 64 2.64 3.39 -15.72
N LEU A 65 1.54 3.42 -16.46
CA LEU A 65 1.54 2.92 -17.84
C LEU A 65 1.96 3.98 -18.86
N THR A 66 2.08 5.23 -18.42
CA THR A 66 2.56 6.30 -19.29
C THR A 66 3.88 6.85 -18.79
N ASN A 67 4.49 6.17 -17.82
CA ASN A 67 5.72 6.64 -17.21
C ASN A 67 5.58 8.08 -16.75
N ASN A 68 4.53 8.35 -15.98
CA ASN A 68 4.24 9.68 -15.48
C ASN A 68 4.06 10.68 -16.62
N TYR A 69 3.25 10.32 -17.60
CA TYR A 69 2.94 11.19 -18.73
C TYR A 69 4.18 11.66 -19.48
N GLY A 70 5.19 10.79 -19.56
CA GLY A 70 6.35 11.04 -20.40
C GLY A 70 7.52 11.72 -19.71
N LYS A 71 7.33 12.22 -18.49
CA LYS A 71 8.38 12.95 -17.80
C LYS A 71 9.10 12.11 -16.75
N GLY A 72 8.69 10.85 -16.63
CA GLY A 72 9.35 9.93 -15.72
C GLY A 72 9.28 10.37 -14.26
N GLY A 73 10.07 9.71 -13.42
CA GLY A 73 10.10 10.00 -12.00
C GLY A 73 11.13 9.14 -11.31
N ALA A 74 11.49 9.52 -10.08
CA ALA A 74 12.43 8.73 -9.30
C ALA A 74 11.85 7.35 -9.03
N ASN A 75 12.70 6.33 -9.11
CA ASN A 75 12.28 4.97 -8.81
C ASN A 75 10.99 4.59 -9.53
N LEU A 76 10.82 5.13 -10.74
CA LEU A 76 9.65 4.85 -11.54
C LEU A 76 10.07 4.19 -12.85
N PRO A 77 10.27 2.86 -12.83
CA PRO A 77 10.67 2.14 -14.04
C PRO A 77 9.57 2.12 -15.10
N LYS A 78 9.98 2.08 -16.37
CA LYS A 78 9.02 2.04 -17.47
C LYS A 78 8.44 0.65 -17.64
N ILE A 79 7.22 0.60 -18.16
CA ILE A 79 6.57 -0.66 -18.48
C ILE A 79 6.45 -0.80 -19.99
N SER A 80 7.23 -1.71 -20.56
CA SER A 80 7.19 -1.96 -22.00
C SER A 80 6.23 -3.10 -22.30
N LYS A 81 5.81 -3.17 -23.56
CA LYS A 81 4.97 -4.27 -24.01
C LYS A 81 5.60 -5.60 -23.62
N GLY A 82 4.83 -6.45 -22.95
CA GLY A 82 5.30 -7.76 -22.52
C GLY A 82 5.82 -7.76 -21.09
N THR A 83 5.86 -6.58 -20.49
CA THR A 83 6.32 -6.45 -19.11
C THR A 83 5.31 -6.99 -18.12
N LYS A 84 5.77 -7.88 -17.24
CA LYS A 84 4.98 -8.25 -16.07
C LYS A 84 5.49 -7.42 -14.90
N ALA A 85 4.57 -6.83 -14.16
CA ALA A 85 4.95 -5.90 -13.11
C ALA A 85 3.99 -5.96 -11.92
N ILE A 86 4.44 -5.45 -10.79
CA ILE A 86 3.59 -5.28 -9.64
C ILE A 86 3.46 -3.79 -9.34
N LEU A 87 2.23 -3.30 -9.28
CA LEU A 87 1.99 -1.89 -9.00
C LEU A 87 1.36 -1.76 -7.63
N THR A 88 2.03 -1.02 -6.74
CA THR A 88 1.48 -0.71 -5.44
C THR A 88 0.99 0.72 -5.47
N ILE A 89 -0.32 0.89 -5.34
CA ILE A 89 -0.97 2.18 -5.54
C ILE A 89 -1.50 2.73 -4.21
N PRO A 90 -0.93 3.84 -3.74
CA PRO A 90 -1.43 4.48 -2.52
C PRO A 90 -2.85 5.01 -2.70
N PRO A 91 -3.61 5.15 -1.60
CA PRO A 91 -5.02 5.56 -1.66
C PRO A 91 -5.29 6.71 -2.62
N ASN A 92 -4.50 7.76 -2.56
CA ASN A 92 -4.79 8.97 -3.32
C ASN A 92 -4.54 8.84 -4.82
N LEU A 93 -3.84 7.79 -5.24
CA LEU A 93 -3.69 7.49 -6.65
C LEU A 93 -4.67 6.39 -7.04
N ALA A 94 -5.57 6.07 -6.12
CA ALA A 94 -6.58 5.04 -6.33
C ALA A 94 -7.97 5.61 -6.06
N TYR A 95 -8.65 5.13 -5.01
CA TYR A 95 -10.01 5.57 -4.72
C TYR A 95 -10.10 6.48 -3.47
N GLY A 96 -8.94 6.85 -2.94
CA GLY A 96 -8.86 7.92 -1.97
C GLY A 96 -9.42 7.63 -0.59
N PRO A 97 -9.63 8.69 0.22
CA PRO A 97 -10.12 8.59 1.60
C PRO A 97 -11.57 8.12 1.67
N ARG A 98 -12.34 8.35 0.62
CA ARG A 98 -13.72 7.88 0.57
C ARG A 98 -13.77 6.42 0.12
N GLY A 99 -12.88 6.07 -0.81
CA GLY A 99 -12.93 4.77 -1.44
C GLY A 99 -14.21 4.64 -2.24
N ILE A 100 -14.68 3.41 -2.42
CA ILE A 100 -15.95 3.15 -3.08
C ILE A 100 -16.66 2.00 -2.39
N PRO A 101 -17.11 2.22 -1.14
CA PRO A 101 -17.74 1.15 -0.37
C PRO A 101 -18.96 0.59 -1.07
N PRO A 102 -19.22 -0.71 -0.93
CA PRO A 102 -18.43 -1.67 -0.15
C PRO A 102 -17.39 -2.42 -0.99
N ILE A 103 -17.18 -1.99 -2.23
CA ILE A 103 -16.25 -2.66 -3.12
C ILE A 103 -14.82 -2.48 -2.64
N ILE A 104 -14.46 -1.22 -2.38
CA ILE A 104 -13.16 -0.87 -1.80
C ILE A 104 -13.39 0.18 -0.73
N GLY A 105 -12.88 -0.09 0.47
CA GLY A 105 -13.11 0.79 1.60
C GLY A 105 -12.26 2.04 1.51
N PRO A 106 -12.47 2.97 2.45
CA PRO A 106 -11.69 4.22 2.53
C PRO A 106 -10.20 3.98 2.80
N ASN A 107 -9.36 4.83 2.21
CA ASN A 107 -7.92 4.80 2.47
C ASN A 107 -7.26 3.44 2.20
N GLU A 108 -7.66 2.78 1.12
CA GLU A 108 -7.09 1.47 0.77
C GLU A 108 -5.91 1.60 -0.19
N THR A 109 -4.84 0.87 0.09
CA THR A 109 -3.72 0.74 -0.85
C THR A 109 -3.97 -0.48 -1.72
N LEU A 110 -3.88 -0.31 -3.04
CA LEU A 110 -4.18 -1.39 -3.96
C LEU A 110 -2.89 -1.98 -4.53
N VAL A 111 -2.83 -3.30 -4.58
CA VAL A 111 -1.68 -4.01 -5.13
C VAL A 111 -2.10 -4.76 -6.39
N PHE A 112 -1.49 -4.40 -7.51
CA PHE A 112 -1.86 -4.95 -8.81
C PHE A 112 -0.74 -5.75 -9.43
N GLU A 113 -1.05 -6.99 -9.81
CA GLU A 113 -0.20 -7.72 -10.74
C GLU A 113 -0.73 -7.39 -12.13
N VAL A 114 0.14 -6.87 -12.99
CA VAL A 114 -0.29 -6.55 -14.34
C VAL A 114 0.71 -7.03 -15.38
N GLU A 115 0.20 -7.30 -16.56
CA GLU A 115 1.06 -7.59 -17.70
C GLU A 115 0.57 -6.76 -18.87
N LEU A 116 1.50 -6.04 -19.51
CA LEU A 116 1.15 -5.23 -20.66
C LEU A 116 1.19 -6.10 -21.92
N LEU A 117 0.01 -6.42 -22.45
CA LEU A 117 -0.10 -7.35 -23.57
C LEU A 117 0.04 -6.66 -24.92
N GLY A 118 -0.44 -5.42 -25.01
CA GLY A 118 -0.37 -4.69 -26.26
C GLY A 118 -0.51 -3.20 -26.11
N VAL A 119 0.03 -2.46 -27.09
CA VAL A 119 -0.07 -1.00 -27.13
C VAL A 119 -0.64 -0.57 -28.47
N ASN A 120 -1.89 -0.14 -28.47
CA ASN A 120 -2.62 0.16 -29.70
C ASN A 120 -2.94 -1.10 -30.49
N GLU B 1 -4.19 15.21 6.93
CA GLU B 1 -3.30 14.27 7.59
C GLU B 1 -3.40 12.89 6.95
N GLU B 2 -2.25 12.20 6.85
CA GLU B 2 -2.23 10.85 6.34
C GLU B 2 -2.29 9.87 7.51
N LEU B 3 -3.13 8.86 7.37
CA LEU B 3 -3.31 7.85 8.41
C LEU B 3 -2.95 6.48 7.86
N PRO B 4 -2.48 5.59 8.74
CA PRO B 4 -2.28 4.21 8.28
C PRO B 4 -3.63 3.53 8.13
N GLN B 5 -3.67 2.43 7.37
CA GLN B 5 -4.88 1.63 7.25
C GLN B 5 -4.79 0.48 8.24
N ILE B 6 -5.82 0.32 9.07
CA ILE B 6 -5.80 -0.69 10.12
C ILE B 6 -6.96 -1.67 9.99
N GLU B 7 -6.64 -2.95 9.85
CA GLU B 7 -7.64 -4.02 9.86
C GLU B 7 -7.54 -4.81 11.16
N ILE B 8 -8.61 -4.81 11.95
CA ILE B 8 -8.63 -5.59 13.19
C ILE B 8 -8.97 -7.04 12.86
N VAL B 9 -7.98 -7.90 12.98
CA VAL B 9 -8.15 -9.31 12.66
C VAL B 9 -8.76 -10.06 13.85
N GLN B 10 -8.33 -9.70 15.05
CA GLN B 10 -8.83 -10.34 16.26
C GLN B 10 -8.89 -9.32 17.41
N GLU B 11 -10.06 -9.17 18.01
CA GLU B 11 -10.25 -8.15 19.04
C GLU B 11 -9.57 -8.51 20.36
N GLY B 12 -9.10 -7.48 21.06
CA GLY B 12 -8.51 -7.66 22.38
C GLY B 12 -9.54 -7.51 23.48
N ASP B 13 -9.12 -7.00 24.64
CA ASP B 13 -10.03 -6.88 25.78
C ASP B 13 -10.94 -5.66 25.66
N ASN B 14 -10.66 -4.81 24.68
CA ASN B 14 -11.49 -3.64 24.40
C ASN B 14 -11.61 -2.71 25.61
N THR B 15 -10.61 -2.76 26.49
CA THR B 15 -10.58 -1.88 27.66
C THR B 15 -9.22 -1.23 27.87
N THR B 16 -8.15 -1.99 27.62
CA THR B 16 -6.78 -1.48 27.80
C THR B 16 -6.23 -0.90 26.50
N PHE B 17 -6.06 0.42 26.46
CA PHE B 17 -5.52 1.09 25.28
C PHE B 17 -4.26 1.88 25.64
N ALA B 18 -3.25 1.80 24.79
CA ALA B 18 -2.01 2.53 25.02
C ALA B 18 -2.21 4.02 24.82
N LYS B 19 -1.61 4.81 25.70
CA LYS B 19 -1.62 6.27 25.60
C LYS B 19 -0.22 6.74 25.23
N PRO B 20 -0.12 7.91 24.59
CA PRO B 20 1.23 8.42 24.28
C PRO B 20 2.11 8.46 25.53
N GLY B 21 3.27 7.82 25.48
CA GLY B 21 4.18 7.79 26.61
C GLY B 21 4.22 6.43 27.27
N ASP B 22 3.19 5.62 27.03
CA ASP B 22 3.15 4.27 27.58
C ASP B 22 4.21 3.39 26.95
N THR B 23 4.66 2.40 27.70
CA THR B 23 5.50 1.36 27.17
C THR B 23 4.58 0.25 26.71
N VAL B 24 4.83 -0.30 25.54
CA VAL B 24 4.04 -1.43 25.07
C VAL B 24 4.95 -2.56 24.64
N THR B 25 4.42 -3.78 24.68
CA THR B 25 5.13 -4.92 24.15
C THR B 25 4.27 -5.52 23.05
N ILE B 26 4.87 -5.69 21.87
CA ILE B 26 4.15 -6.25 20.73
C ILE B 26 4.87 -7.45 20.15
N HIS B 27 4.14 -8.20 19.34
CA HIS B 27 4.74 -9.18 18.45
C HIS B 27 4.37 -8.74 17.05
N TYR B 28 5.34 -8.66 16.15
CA TYR B 28 5.08 -8.07 14.85
C TYR B 28 5.73 -8.87 13.72
N ASP B 29 5.21 -8.64 12.51
CA ASP B 29 5.75 -9.25 11.32
C ASP B 29 5.54 -8.28 10.17
N GLY B 30 6.62 -7.90 9.50
CA GLY B 30 6.56 -6.91 8.45
C GLY B 30 6.82 -7.50 7.08
N LYS B 31 6.02 -7.09 6.11
CA LYS B 31 6.21 -7.53 4.73
C LYS B 31 6.14 -6.34 3.78
N LEU B 32 6.71 -6.53 2.59
CA LEU B 32 6.53 -5.56 1.53
C LEU B 32 5.24 -5.95 0.83
N THR B 33 4.73 -5.09 -0.03
CA THR B 33 3.44 -5.36 -0.67
C THR B 33 3.53 -6.55 -1.64
N ASN B 34 4.74 -6.95 -2.01
CA ASN B 34 4.92 -8.13 -2.85
C ASN B 34 4.96 -9.42 -2.03
N GLY B 35 4.84 -9.31 -0.72
CA GLY B 35 4.72 -10.47 0.14
C GLY B 35 6.00 -10.95 0.79
N LYS B 36 7.12 -10.30 0.49
CA LYS B 36 8.40 -10.68 1.08
C LYS B 36 8.62 -10.01 2.43
N GLU B 37 9.27 -10.72 3.35
CA GLU B 37 9.59 -10.18 4.66
C GLU B 37 10.74 -9.19 4.55
N PHE B 38 10.91 -8.34 5.56
CA PHE B 38 12.08 -7.48 5.65
C PHE B 38 12.61 -7.45 7.07
N GLY B 45 8.16 -13.09 12.56
CA GLY B 45 7.84 -13.27 13.97
C GLY B 45 8.94 -12.77 14.88
N LYS B 46 8.70 -11.62 15.52
CA LYS B 46 9.70 -11.04 16.43
C LYS B 46 9.03 -10.17 17.49
N PRO B 47 9.56 -10.20 18.73
CA PRO B 47 9.05 -9.41 19.85
C PRO B 47 9.69 -8.02 19.92
N PHE B 48 8.99 -7.06 20.51
CA PHE B 48 9.55 -5.72 20.63
C PHE B 48 8.86 -4.91 21.72
N THR B 49 9.66 -4.14 22.47
CA THR B 49 9.15 -3.26 23.51
C THR B 49 9.66 -1.84 23.29
N CYS B 50 8.75 -0.88 23.31
CA CYS B 50 9.10 0.51 23.05
C CYS B 50 8.14 1.45 23.76
N THR B 51 8.47 2.73 23.74
CA THR B 51 7.56 3.77 24.22
C THR B 51 6.81 4.32 23.02
N VAL B 52 5.49 4.42 23.13
CA VAL B 52 4.67 4.79 21.98
C VAL B 52 4.18 6.23 22.07
N GLY B 53 3.91 6.82 20.91
CA GLY B 53 3.36 8.16 20.83
C GLY B 53 4.38 9.27 21.02
N VAL B 54 5.67 8.95 20.98
CA VAL B 54 6.69 9.96 21.21
C VAL B 54 7.77 9.99 20.11
N GLY B 55 7.48 9.35 18.98
CA GLY B 55 8.35 9.41 17.82
C GLY B 55 9.56 8.49 17.90
N GLN B 56 9.47 7.45 18.72
CA GLN B 56 10.57 6.50 18.87
C GLN B 56 10.38 5.27 17.97
N VAL B 57 9.30 5.28 17.19
CA VAL B 57 9.07 4.29 16.16
C VAL B 57 8.49 5.01 14.96
N ILE B 58 8.33 4.33 13.83
CA ILE B 58 7.77 4.97 12.65
C ILE B 58 6.39 5.52 12.97
N LYS B 59 6.01 6.58 12.27
CA LYS B 59 4.74 7.27 12.53
C LYS B 59 3.56 6.31 12.50
N GLY B 60 3.47 5.49 11.47
CA GLY B 60 2.37 4.56 11.32
C GLY B 60 2.15 3.70 12.56
N TRP B 61 3.23 3.32 13.23
CA TRP B 61 3.14 2.57 14.48
C TRP B 61 2.60 3.45 15.60
N ASP B 62 3.18 4.63 15.78
CA ASP B 62 2.73 5.53 16.84
C ASP B 62 1.23 5.76 16.70
N ILE B 63 0.80 6.09 15.50
CA ILE B 63 -0.60 6.39 15.26
C ILE B 63 -1.49 5.18 15.54
N SER B 64 -1.07 4.01 15.07
CA SER B 64 -1.88 2.80 15.25
C SER B 64 -2.00 2.39 16.71
N LEU B 65 -0.91 2.52 17.47
CA LEU B 65 -0.85 2.01 18.83
C LEU B 65 -1.45 2.95 19.89
N THR B 66 -1.56 4.24 19.55
CA THR B 66 -2.10 5.23 20.48
C THR B 66 -3.38 5.86 19.96
N ASN B 67 -3.94 5.29 18.90
CA ASN B 67 -5.14 5.83 18.29
C ASN B 67 -4.93 7.29 17.91
N ASN B 68 -3.94 7.52 17.05
CA ASN B 68 -3.57 8.86 16.61
C ASN B 68 -3.33 9.80 17.78
N TYR B 69 -2.50 9.35 18.72
CA TYR B 69 -2.10 10.17 19.87
C TYR B 69 -3.31 10.59 20.72
N GLY B 70 -4.34 9.76 20.74
CA GLY B 70 -5.51 10.03 21.56
C GLY B 70 -6.57 10.88 20.86
N LYS B 71 -6.31 11.29 19.62
CA LYS B 71 -7.22 12.14 18.89
C LYS B 71 -8.18 11.33 18.03
N GLY B 72 -7.79 10.09 17.73
CA GLY B 72 -8.60 9.23 16.89
C GLY B 72 -8.57 9.71 15.45
N GLY B 73 -9.10 8.90 14.54
CA GLY B 73 -9.09 9.25 13.13
C GLY B 73 -10.25 8.65 12.36
N ALA B 74 -10.50 9.21 11.18
CA ALA B 74 -11.53 8.68 10.30
C ALA B 74 -11.20 7.24 9.91
N ASN B 75 -12.13 6.33 10.14
CA ASN B 75 -11.95 4.94 9.75
C ASN B 75 -10.70 4.33 10.39
N LEU B 76 -10.39 4.80 11.59
CA LEU B 76 -9.22 4.34 12.31
C LEU B 76 -9.66 3.62 13.59
N PRO B 77 -9.71 2.27 13.55
CA PRO B 77 -10.14 1.50 14.72
C PRO B 77 -9.07 1.49 15.81
N LYS B 78 -9.49 1.40 17.06
CA LYS B 78 -8.57 1.41 18.18
C LYS B 78 -8.01 0.03 18.45
N ILE B 79 -6.77 -0.04 18.94
CA ILE B 79 -6.14 -1.31 19.24
C ILE B 79 -5.99 -1.50 20.74
N SER B 80 -6.62 -2.54 21.27
CA SER B 80 -6.60 -2.84 22.68
C SER B 80 -5.63 -3.98 22.95
N LYS B 81 -5.22 -4.16 24.19
CA LYS B 81 -4.33 -5.28 24.52
C LYS B 81 -4.98 -6.61 24.16
N GLY B 82 -4.21 -7.47 23.51
CA GLY B 82 -4.72 -8.75 23.02
C GLY B 82 -5.05 -8.70 21.54
N THR B 83 -5.24 -7.48 21.02
CA THR B 83 -5.61 -7.29 19.62
C THR B 83 -4.54 -7.79 18.65
N LYS B 84 -4.97 -8.55 17.65
CA LYS B 84 -4.14 -8.84 16.49
C LYS B 84 -4.66 -7.98 15.35
N ALA B 85 -3.76 -7.32 14.63
CA ALA B 85 -4.16 -6.39 13.60
C ALA B 85 -3.21 -6.39 12.43
N ILE B 86 -3.69 -5.96 11.28
CA ILE B 86 -2.85 -5.75 10.11
C ILE B 86 -2.73 -4.26 9.89
N LEU B 87 -1.50 -3.75 9.94
CA LEU B 87 -1.23 -2.36 9.70
C LEU B 87 -0.65 -2.16 8.30
N THR B 88 -1.30 -1.32 7.51
CA THR B 88 -0.74 -0.94 6.21
C THR B 88 -0.24 0.50 6.29
N ILE B 89 1.07 0.65 6.21
CA ILE B 89 1.73 1.93 6.45
C ILE B 89 2.30 2.50 5.17
N PRO B 90 1.74 3.62 4.69
CA PRO B 90 2.26 4.27 3.49
C PRO B 90 3.66 4.85 3.74
N PRO B 91 4.45 5.00 2.67
CA PRO B 91 5.84 5.47 2.76
C PRO B 91 6.03 6.66 3.70
N ASN B 92 5.14 7.65 3.64
CA ASN B 92 5.32 8.86 4.43
C ASN B 92 5.07 8.66 5.92
N LEU B 93 4.43 7.55 6.28
CA LEU B 93 4.27 7.19 7.69
C LEU B 93 5.26 6.09 8.07
N ALA B 94 6.20 5.81 7.17
CA ALA B 94 7.21 4.79 7.41
C ALA B 94 8.59 5.39 7.21
N TYR B 95 9.27 5.00 6.13
CA TYR B 95 10.66 5.42 5.91
C TYR B 95 10.82 6.33 4.69
N GLY B 96 9.69 6.85 4.20
CA GLY B 96 9.71 7.91 3.21
C GLY B 96 10.10 7.50 1.80
N PRO B 97 10.14 8.48 0.88
CA PRO B 97 10.48 8.28 -0.53
C PRO B 97 11.94 7.87 -0.74
N ARG B 98 12.79 8.18 0.23
CA ARG B 98 14.20 7.80 0.15
C ARG B 98 14.37 6.38 0.67
N GLY B 99 13.54 6.02 1.65
CA GLY B 99 13.62 4.71 2.25
C GLY B 99 14.86 4.59 3.10
N ILE B 100 15.30 3.36 3.33
CA ILE B 100 16.53 3.10 4.06
C ILE B 100 17.24 1.88 3.50
N PRO B 101 17.74 2.00 2.26
CA PRO B 101 18.46 0.89 1.62
C PRO B 101 19.71 0.52 2.41
N PRO B 102 20.09 -0.76 2.42
CA PRO B 102 19.49 -1.88 1.69
C PRO B 102 18.37 -2.61 2.43
N ILE B 103 17.95 -2.10 3.58
CA ILE B 103 16.96 -2.78 4.39
C ILE B 103 15.58 -2.64 3.78
N ILE B 104 15.15 -1.41 3.56
CA ILE B 104 13.88 -1.12 2.91
C ILE B 104 14.10 -0.06 1.83
N GLY B 105 13.57 -0.31 0.64
CA GLY B 105 13.79 0.56 -0.50
C GLY B 105 13.02 1.86 -0.42
N PRO B 106 13.19 2.72 -1.43
CA PRO B 106 12.52 4.02 -1.52
C PRO B 106 11.03 3.89 -1.84
N ASN B 107 10.23 4.80 -1.30
CA ASN B 107 8.80 4.85 -1.61
C ASN B 107 8.12 3.50 -1.39
N GLU B 108 8.43 2.85 -0.27
CA GLU B 108 7.88 1.53 0.02
C GLU B 108 6.71 1.58 1.01
N THR B 109 5.64 0.88 0.67
CA THR B 109 4.53 0.69 1.59
C THR B 109 4.80 -0.57 2.40
N LEU B 110 4.59 -0.48 3.71
CA LEU B 110 4.86 -1.61 4.59
C LEU B 110 3.56 -2.20 5.13
N VAL B 111 3.52 -3.53 5.23
CA VAL B 111 2.36 -4.22 5.78
C VAL B 111 2.81 -5.00 7.00
N PHE B 112 2.27 -4.64 8.16
CA PHE B 112 2.65 -5.27 9.42
C PHE B 112 1.51 -6.09 9.99
N GLU B 113 1.81 -7.34 10.36
CA GLU B 113 0.95 -8.07 11.25
C GLU B 113 1.47 -7.79 12.64
N VAL B 114 0.67 -7.14 13.47
CA VAL B 114 1.09 -6.86 14.84
C VAL B 114 0.08 -7.41 15.83
N GLU B 115 0.61 -7.83 16.98
CA GLU B 115 -0.22 -8.21 18.10
C GLU B 115 0.21 -7.38 19.29
N LEU B 116 -0.73 -6.67 19.90
CA LEU B 116 -0.45 -5.90 21.10
C LEU B 116 -0.57 -6.82 22.30
N LEU B 117 0.56 -7.12 22.95
CA LEU B 117 0.59 -8.12 24.02
C LEU B 117 0.62 -7.49 25.41
N GLY B 118 1.23 -6.32 25.53
CA GLY B 118 1.35 -5.68 26.82
C GLY B 118 1.36 -4.17 26.77
N VAL B 119 0.77 -3.56 27.79
CA VAL B 119 0.83 -2.12 27.97
C VAL B 119 1.32 -1.86 29.40
N ASN B 120 2.53 -1.34 29.52
CA ASN B 120 3.16 -1.16 30.83
C ASN B 120 3.30 -2.49 31.55
C ACT C . -5.40 12.82 -15.99
O ACT C . -4.78 11.74 -16.01
OXT ACT C . -5.40 13.57 -15.00
CH3 ACT C . -6.19 13.23 -17.21
H1 ACT C . -6.66 14.16 -17.02
H2 ACT C . -6.93 12.49 -17.40
H3 ACT C . -5.54 13.32 -18.04
#